data_3P06
#
_entry.id   3P06
#
_cell.length_a   59.140
_cell.length_b   59.140
_cell.length_c   208.142
_cell.angle_alpha   90.00
_cell.angle_beta   90.00
_cell.angle_gamma   120.00
#
_symmetry.space_group_name_H-M   'P 64 2 2'
#
loop_
_entity.id
_entity.type
_entity.pdbx_description
1 polymer 'VP4 protein'
2 non-polymer 'SULFATE ION'
3 non-polymer GLYCEROL
4 non-polymer BETA-MERCAPTOETHANOL
5 non-polymer UREA
6 non-polymer 'CHLORIDE ION'
7 water water
#
_entity_poly.entity_id   1
_entity_poly.type   'polypeptide(L)'
_entity_poly.pdbx_seq_one_letter_code
;NGVELSAVGVLLPVL(MSE)DSGRRISGGAF(MSE)AVKGDLSEHIKNPKNTRIAQTVAGGTIYGLSE(MSE)VNIDEAE
KLPIKGAITVLPVVQATATSILVPDNQPQLAFNSWEAAACAADTLESQQTPFL(MSE)VTGAVESGNLSPNLLAVQKQLL
VAKPAGIGLAANSDRALKVVTLEQLRQVVGDKPWRKP(MSE)VTFSSGKNVAQA
;
_entity_poly.pdbx_strand_id   A
#
loop_
_chem_comp.id
_chem_comp.type
_chem_comp.name
_chem_comp.formula
BME non-polymer BETA-MERCAPTOETHANOL 'C2 H6 O S'
CL non-polymer 'CHLORIDE ION' 'Cl -1'
GOL non-polymer GLYCEROL 'C3 H8 O3'
SO4 non-polymer 'SULFATE ION' 'O4 S -2'
URE non-polymer UREA 'C H4 N2 O'
#
# COMPACT_ATOMS: atom_id res chain seq x y z
N ASN A 1 -21.28 -0.87 -0.19
CA ASN A 1 -21.11 -0.34 -1.59
C ASN A 1 -19.63 -0.17 -1.91
N GLY A 2 -19.27 -0.51 -3.14
CA GLY A 2 -17.89 -0.36 -3.61
C GLY A 2 -17.83 -0.63 -5.10
N VAL A 3 -16.63 -0.53 -5.66
CA VAL A 3 -16.43 -0.73 -7.06
C VAL A 3 -15.34 -1.80 -7.23
N GLU A 4 -15.53 -2.72 -8.17
CA GLU A 4 -14.50 -3.68 -8.49
C GLU A 4 -13.74 -3.20 -9.73
N LEU A 5 -12.41 -3.15 -9.66
CA LEU A 5 -11.61 -2.55 -10.74
C LEU A 5 -10.56 -3.55 -11.17
N SER A 6 -10.30 -3.63 -12.49
CA SER A 6 -9.10 -4.31 -13.00
C SER A 6 -7.96 -3.44 -12.62
N ALA A 7 -6.92 -3.97 -12.03
CA ALA A 7 -5.88 -3.11 -11.48
C ALA A 7 -4.73 -3.96 -11.14
N VAL A 8 -3.58 -3.37 -11.25
CA VAL A 8 -2.36 -4.05 -10.86
C VAL A 8 -1.62 -3.06 -9.93
N GLY A 9 -1.02 -3.57 -8.87
CA GLY A 9 -0.25 -2.74 -7.97
C GLY A 9 0.31 -3.57 -6.85
N VAL A 10 0.59 -2.93 -5.70
CA VAL A 10 1.20 -3.66 -4.60
C VAL A 10 0.43 -3.35 -3.30
N LEU A 11 0.05 -4.41 -2.59
CA LEU A 11 -0.75 -4.29 -1.41
C LEU A 11 0.09 -3.76 -0.22
N LEU A 12 -0.53 -3.00 0.66
CA LEU A 12 0.17 -2.55 1.87
C LEU A 12 -0.82 -2.61 3.04
N PRO A 13 -0.36 -3.07 4.19
CA PRO A 13 -1.21 -3.13 5.38
C PRO A 13 -1.37 -1.77 6.06
N VAL A 14 -2.55 -1.51 6.63
CA VAL A 14 -2.77 -0.33 7.46
C VAL A 14 -3.42 -0.73 8.75
N LEU A 15 -3.24 0.11 9.77
CA LEU A 15 -3.87 -0.08 11.07
C LEU A 15 -4.82 1.08 11.38
N MSE A 16 -5.92 0.81 12.08
CA MSE A 16 -6.96 1.79 12.37
C MSE A 16 -7.31 1.71 13.82
O MSE A 16 -7.46 0.59 14.36
CB MSE A 16 -8.24 1.57 11.55
CG MSE A 16 -8.02 1.98 10.09
SE MSE A 16 -9.16 1.15 8.71
CE MSE A 16 -8.61 -0.72 8.98
N ASP A 17 -7.43 2.87 14.45
CA ASP A 17 -7.85 2.99 15.83
C ASP A 17 -9.32 3.42 15.95
N SER A 18 -10.15 2.56 16.55
CA SER A 18 -11.54 2.91 16.91
C SER A 18 -11.58 3.01 18.41
N GLY A 19 -10.82 3.97 18.94
CA GLY A 19 -10.65 4.14 20.39
C GLY A 19 -10.62 2.94 21.32
N ARG A 20 -11.23 1.82 20.92
CA ARG A 20 -11.36 0.64 21.79
C ARG A 20 -10.48 -0.51 21.32
N ARG A 21 -10.30 -0.62 20.02
CA ARG A 21 -9.53 -1.71 19.46
C ARG A 21 -8.72 -1.24 18.27
N ILE A 22 -7.60 -1.90 18.03
CA ILE A 22 -6.80 -1.59 16.85
C ILE A 22 -7.25 -2.62 15.87
N SER A 23 -7.65 -2.21 14.68
CA SER A 23 -7.93 -3.20 13.67
C SER A 23 -7.03 -2.95 12.47
N GLY A 24 -7.05 -3.88 11.53
CA GLY A 24 -6.15 -3.89 10.41
C GLY A 24 -6.95 -3.85 9.10
N GLY A 25 -6.36 -3.26 8.06
CA GLY A 25 -6.91 -3.32 6.71
C GLY A 25 -5.81 -3.22 5.66
N ALA A 26 -6.17 -2.83 4.43
CA ALA A 26 -5.18 -2.81 3.36
C ALA A 26 -5.49 -1.68 2.43
N PHE A 27 -4.42 -1.12 1.83
CA PHE A 27 -4.59 -0.24 0.69
C PHE A 27 -3.78 -0.93 -0.37
N MSE A 28 -3.94 -0.50 -1.59
CA MSE A 28 -3.05 -0.92 -2.66
C MSE A 28 -2.48 0.34 -3.28
O MSE A 28 -3.21 1.34 -3.47
CB MSE A 28 -3.85 -1.70 -3.73
CG MSE A 28 -2.87 -2.11 -4.82
SE MSE A 28 -3.63 -3.19 -6.30
CE MSE A 28 -3.71 -4.81 -5.26
N ALA A 29 -1.18 0.34 -3.56
CA ALA A 29 -0.59 1.41 -4.38
C ALA A 29 -0.85 0.92 -5.84
N VAL A 30 -1.81 1.52 -6.53
CA VAL A 30 -2.25 0.98 -7.81
C VAL A 30 -1.55 1.78 -8.91
N LYS A 31 -1.18 1.10 -9.98
CA LYS A 31 -0.57 1.81 -11.09
C LYS A 31 -1.62 2.57 -11.87
N GLY A 32 -1.31 3.84 -12.17
CA GLY A 32 -2.23 4.69 -12.92
C GLY A 32 -2.95 5.71 -12.02
N ASP A 33 -3.65 6.61 -12.70
CA ASP A 33 -4.40 7.62 -12.11
C ASP A 33 -5.85 7.09 -11.91
N LEU A 34 -6.17 6.72 -10.68
CA LEU A 34 -7.51 6.24 -10.32
C LEU A 34 -8.17 7.21 -9.34
N SER A 35 -7.81 8.53 -9.42
CA SER A 35 -8.28 9.51 -8.41
C SER A 35 -9.80 9.69 -8.45
N GLU A 36 -10.45 9.25 -9.54
CA GLU A 36 -11.90 9.36 -9.59
C GLU A 36 -12.55 8.33 -8.63
N HIS A 37 -11.79 7.37 -8.11
CA HIS A 37 -12.34 6.41 -7.15
C HIS A 37 -12.07 6.79 -5.68
N ILE A 38 -11.39 7.92 -5.48
CA ILE A 38 -11.17 8.42 -4.11
C ILE A 38 -12.49 8.96 -3.57
N LYS A 39 -13.01 8.40 -2.49
CA LYS A 39 -14.30 8.93 -1.96
C LYS A 39 -14.17 9.52 -0.53
N ASN A 40 -12.95 9.75 -0.06
CA ASN A 40 -12.77 10.47 1.20
C ASN A 40 -12.21 11.86 0.83
N PRO A 41 -12.99 12.93 1.09
CA PRO A 41 -12.56 14.28 0.71
C PRO A 41 -11.29 14.76 1.51
N LYS A 42 -10.83 14.02 2.51
CA LYS A 42 -9.54 14.37 3.12
C LYS A 42 -8.38 13.81 2.28
N ASN A 43 -8.60 12.76 1.49
CA ASN A 43 -7.47 12.12 0.75
C ASN A 43 -7.30 12.75 -0.62
N THR A 44 -7.32 14.06 -0.64
CA THR A 44 -7.41 14.81 -1.89
C THR A 44 -6.10 15.63 -2.06
N ARG A 45 -4.97 15.13 -1.55
CA ARG A 45 -3.68 15.75 -1.82
C ARG A 45 -2.89 14.89 -2.83
N ILE A 46 -2.18 15.54 -3.73
CA ILE A 46 -1.40 14.79 -4.71
C ILE A 46 0.08 15.12 -4.48
N ALA A 47 0.99 14.16 -4.63
CA ALA A 47 2.43 14.41 -4.51
C ALA A 47 3.03 14.25 -5.90
N GLN A 48 3.66 15.29 -6.44
CA GLN A 48 4.45 15.16 -7.67
C GLN A 48 5.91 14.88 -7.24
N THR A 49 6.55 13.91 -7.87
CA THR A 49 7.85 13.50 -7.37
C THR A 49 8.95 14.08 -8.20
N VAL A 50 10.14 14.07 -7.62
CA VAL A 50 11.31 14.55 -8.38
C VAL A 50 11.59 13.79 -9.68
N ALA A 51 11.17 12.54 -9.78
CA ALA A 51 11.39 11.73 -11.00
C ALA A 51 10.29 11.90 -12.07
N GLY A 52 9.41 12.89 -11.91
CA GLY A 52 8.31 13.09 -12.87
C GLY A 52 6.99 12.34 -12.52
N GLY A 53 6.92 11.62 -11.39
CA GLY A 53 5.76 10.76 -11.11
C GLY A 53 4.63 11.57 -10.41
N THR A 54 3.46 10.96 -10.21
CA THR A 54 2.34 11.64 -9.54
C THR A 54 1.69 10.61 -8.63
N ILE A 55 1.51 10.91 -7.33
CA ILE A 55 0.90 9.95 -6.45
C ILE A 55 -0.41 10.60 -5.95
N TYR A 56 -1.51 9.91 -6.13
CA TYR A 56 -2.84 10.33 -5.70
C TYR A 56 -3.28 9.54 -4.50
N GLY A 57 -4.26 10.08 -3.76
CA GLY A 57 -4.94 9.33 -2.72
C GLY A 57 -4.35 9.72 -1.33
N LEU A 58 -3.42 10.67 -1.30
CA LEU A 58 -2.77 11.12 -0.06
C LEU A 58 -3.56 12.15 0.70
N SER A 59 -3.30 12.30 2.01
CA SER A 59 -3.97 13.35 2.76
C SER A 59 -2.91 14.27 3.36
N GLU A 60 -3.34 15.34 4.06
CA GLU A 60 -2.43 16.22 4.85
C GLU A 60 -1.56 15.51 5.93
N MSE A 61 -2.02 14.36 6.38
CA MSE A 61 -1.29 13.57 7.37
C MSE A 61 -0.19 12.73 6.81
O MSE A 61 0.38 11.86 7.49
CB MSE A 61 -2.26 12.72 8.19
CG MSE A 61 -3.01 13.61 9.18
SE MSE A 61 -4.38 12.59 10.13
CE MSE A 61 -3.23 11.78 11.53
N VAL A 62 0.11 12.89 5.54
CA VAL A 62 1.24 12.20 4.94
C VAL A 62 2.34 13.18 4.84
N ASN A 63 3.60 12.79 5.02
CA ASN A 63 4.72 13.73 4.82
C ASN A 63 4.91 13.90 3.31
N ILE A 64 4.41 15.01 2.76
CA ILE A 64 4.44 15.20 1.32
C ILE A 64 5.87 15.44 0.78
N ASP A 65 6.70 16.14 1.55
CA ASP A 65 8.12 16.36 1.22
C ASP A 65 8.87 15.04 1.00
N GLU A 66 8.64 14.04 1.87
CA GLU A 66 9.23 12.72 1.68
C GLU A 66 8.59 12.00 0.47
N ALA A 67 7.27 12.11 0.29
CA ALA A 67 6.61 11.55 -0.89
C ALA A 67 7.22 12.14 -2.20
N GLU A 68 7.52 13.45 -2.22
CA GLU A 68 8.06 14.12 -3.44
C GLU A 68 9.50 13.67 -3.79
N LYS A 69 10.18 13.02 -2.84
CA LYS A 69 11.55 12.55 -3.11
C LYS A 69 11.60 11.11 -3.62
N LEU A 70 10.42 10.46 -3.74
CA LEU A 70 10.36 9.07 -4.20
C LEU A 70 10.75 8.93 -5.69
N PRO A 71 11.44 7.83 -6.02
CA PRO A 71 11.86 7.54 -7.42
C PRO A 71 10.70 6.88 -8.20
N ILE A 72 9.54 7.51 -8.19
CA ILE A 72 8.37 6.98 -8.88
C ILE A 72 8.25 7.88 -10.13
N LYS A 73 8.21 7.24 -11.31
CA LYS A 73 8.12 8.00 -12.58
C LYS A 73 6.71 8.04 -13.17
N GLY A 74 5.88 7.07 -12.86
CA GLY A 74 4.53 7.05 -13.42
C GLY A 74 3.47 7.54 -12.41
N ALA A 75 2.20 7.23 -12.68
CA ALA A 75 1.10 7.62 -11.76
C ALA A 75 0.82 6.46 -10.81
N ILE A 76 0.64 6.74 -9.51
CA ILE A 76 0.30 5.70 -8.54
C ILE A 76 -0.88 6.30 -7.79
N THR A 77 -1.94 5.52 -7.57
CA THR A 77 -3.04 5.96 -6.73
C THR A 77 -3.07 4.98 -5.58
N VAL A 78 -3.14 5.47 -4.32
CA VAL A 78 -3.20 4.61 -3.16
C VAL A 78 -4.66 4.54 -2.79
N LEU A 79 -5.25 3.33 -2.82
CA LEU A 79 -6.71 3.23 -2.59
C LEU A 79 -6.92 2.18 -1.53
N PRO A 80 -7.90 2.38 -0.67
CA PRO A 80 -8.26 1.28 0.19
C PRO A 80 -8.84 0.08 -0.60
N VAL A 81 -8.63 -1.15 -0.13
CA VAL A 81 -9.21 -2.32 -0.82
C VAL A 81 -9.75 -3.25 0.22
N VAL A 82 -10.90 -3.85 -0.07
CA VAL A 82 -11.41 -4.86 0.87
C VAL A 82 -11.21 -6.26 0.30
N GLN A 83 -10.86 -6.32 -1.00
CA GLN A 83 -10.58 -7.60 -1.68
C GLN A 83 -9.55 -7.37 -2.72
N ALA A 84 -8.67 -8.34 -2.93
CA ALA A 84 -7.71 -8.26 -4.02
C ALA A 84 -7.47 -9.62 -4.67
N THR A 85 -7.22 -9.61 -5.98
CA THR A 85 -6.80 -10.80 -6.69
C THR A 85 -5.54 -10.40 -7.45
N ALA A 86 -4.95 -11.33 -8.20
CA ALA A 86 -3.82 -10.98 -9.11
C ALA A 86 -4.09 -9.80 -10.07
N THR A 87 -5.37 -9.56 -10.40
CA THR A 87 -5.67 -8.57 -11.43
C THR A 87 -6.86 -7.67 -11.15
N SER A 88 -7.40 -7.74 -9.94
CA SER A 88 -8.51 -6.84 -9.61
C SER A 88 -8.56 -6.49 -8.16
N ILE A 89 -9.23 -5.39 -7.84
CA ILE A 89 -9.46 -5.08 -6.46
C ILE A 89 -10.88 -4.63 -6.26
N LEU A 90 -11.33 -4.67 -5.03
CA LEU A 90 -12.59 -4.12 -4.71
C LEU A 90 -12.33 -2.93 -3.72
N VAL A 91 -12.74 -1.75 -4.15
CA VAL A 91 -12.48 -0.50 -3.45
C VAL A 91 -13.83 -0.13 -2.79
N PRO A 92 -13.82 0.01 -1.48
CA PRO A 92 -15.10 0.31 -0.78
C PRO A 92 -15.42 1.80 -0.98
N ASP A 93 -16.71 2.12 -0.91
CA ASP A 93 -17.14 3.51 -1.02
C ASP A 93 -16.84 4.23 0.32
N ASN A 94 -16.84 3.48 1.43
CA ASN A 94 -16.47 4.03 2.70
C ASN A 94 -14.99 3.93 2.92
N GLN A 95 -14.33 5.09 2.84
CA GLN A 95 -12.87 5.10 2.76
C GLN A 95 -12.26 5.90 3.93
N PRO A 96 -11.30 5.30 4.61
CA PRO A 96 -10.63 6.06 5.69
C PRO A 96 -9.54 7.02 5.15
N GLN A 97 -9.25 8.03 5.94
CA GLN A 97 -8.17 8.99 5.63
C GLN A 97 -6.85 8.23 5.72
N LEU A 98 -5.99 8.43 4.71
CA LEU A 98 -4.72 7.78 4.71
C LEU A 98 -3.67 8.68 5.38
N ALA A 99 -2.90 8.12 6.29
CA ALA A 99 -1.93 8.88 7.10
C ALA A 99 -0.59 8.22 7.07
N PHE A 100 0.48 9.03 7.20
CA PHE A 100 1.87 8.60 7.37
C PHE A 100 2.48 8.06 6.08
N ASN A 101 3.61 7.38 6.14
CA ASN A 101 4.41 7.21 4.95
C ASN A 101 4.79 5.76 4.71
N SER A 102 4.21 4.85 5.48
CA SER A 102 4.50 3.43 5.32
C SER A 102 3.94 2.74 4.02
N TRP A 103 3.23 3.50 3.16
CA TRP A 103 2.72 3.08 1.84
C TRP A 103 3.84 3.25 0.77
N GLU A 104 4.92 3.92 1.13
CA GLU A 104 5.93 4.30 0.09
C GLU A 104 6.68 3.12 -0.51
N ALA A 105 7.07 2.13 0.29
CA ALA A 105 7.73 0.95 -0.29
C ALA A 105 6.81 0.25 -1.31
N ALA A 106 5.52 0.08 -1.01
CA ALA A 106 4.57 -0.51 -1.96
C ALA A 106 4.43 0.34 -3.28
N ALA A 107 4.33 1.64 -3.12
CA ALA A 107 4.18 2.58 -4.25
C ALA A 107 5.45 2.53 -5.13
N CYS A 108 6.63 2.46 -4.51
CA CYS A 108 7.87 2.30 -5.32
C CYS A 108 7.90 0.95 -6.04
N ALA A 109 7.53 -0.11 -5.31
CA ALA A 109 7.50 -1.43 -5.91
C ALA A 109 6.43 -1.52 -7.02
N ALA A 110 5.26 -0.88 -6.83
CA ALA A 110 4.19 -0.90 -7.83
C ALA A 110 4.66 -0.10 -9.07
N ASP A 111 5.41 0.98 -8.84
CA ASP A 111 5.88 1.80 -10.01
C ASP A 111 6.81 1.05 -11.01
N THR A 112 7.64 0.15 -10.47
CA THR A 112 8.58 -0.58 -11.35
C THR A 112 8.16 -2.05 -11.51
N LEU A 113 6.92 -2.36 -11.15
CA LEU A 113 6.33 -3.66 -11.41
C LEU A 113 6.08 -3.82 -12.89
N GLU A 114 6.69 -4.83 -13.49
CA GLU A 114 6.53 -4.99 -14.94
C GLU A 114 5.69 -6.19 -15.30
N SER A 115 5.19 -6.91 -14.29
CA SER A 115 4.60 -8.24 -14.52
C SER A 115 3.16 -8.23 -14.99
N GLN A 116 2.41 -7.17 -14.70
CA GLN A 116 0.99 -7.19 -15.16
C GLN A 116 0.11 -8.01 -14.19
N GLN A 117 0.72 -8.49 -13.12
CA GLN A 117 -0.02 -9.13 -12.04
C GLN A 117 0.44 -8.54 -10.71
N THR A 118 -0.48 -8.31 -9.81
CA THR A 118 -0.13 -7.89 -8.42
C THR A 118 0.53 -9.09 -7.75
N PRO A 119 1.66 -8.89 -7.04
CA PRO A 119 2.32 -10.00 -6.34
C PRO A 119 1.49 -10.46 -5.13
N PHE A 120 1.62 -11.73 -4.77
CA PHE A 120 0.91 -12.22 -3.61
C PHE A 120 1.82 -11.96 -2.42
N LEU A 121 1.88 -10.71 -2.00
CA LEU A 121 2.79 -10.31 -0.98
C LEU A 121 2.43 -8.89 -0.60
N MSE A 122 2.39 -8.58 0.67
CA MSE A 122 2.08 -7.22 1.07
C MSE A 122 3.40 -6.56 1.40
O MSE A 122 4.38 -7.26 1.79
CB MSE A 122 1.19 -7.21 2.32
CG MSE A 122 -0.17 -7.89 2.05
SE MSE A 122 -1.28 -7.59 3.68
CE MSE A 122 -1.98 -5.89 3.06
N VAL A 123 3.46 -5.25 1.29
CA VAL A 123 4.73 -4.59 1.54
C VAL A 123 4.54 -3.39 2.48
N THR A 124 5.39 -3.18 3.48
CA THR A 124 5.25 -1.99 4.33
C THR A 124 6.62 -1.32 4.50
N GLY A 125 6.62 0.02 4.56
CA GLY A 125 7.78 0.76 4.99
C GLY A 125 7.88 2.11 4.28
N ALA A 126 8.58 3.04 4.90
CA ALA A 126 8.83 4.35 4.36
C ALA A 126 10.12 4.23 3.55
N VAL A 127 10.34 5.15 2.62
CA VAL A 127 11.52 5.06 1.75
C VAL A 127 12.29 6.34 1.88
N GLU A 128 13.60 6.21 2.03
CA GLU A 128 14.51 7.39 2.12
C GLU A 128 15.80 7.04 1.39
N SER A 129 16.16 7.84 0.36
CA SER A 129 17.37 7.60 -0.46
C SER A 129 17.58 6.12 -0.88
N GLY A 130 16.58 5.53 -1.53
CA GLY A 130 16.68 4.17 -2.06
C GLY A 130 16.74 3.04 -1.05
N ASN A 131 16.47 3.36 0.21
CA ASN A 131 16.41 2.34 1.24
C ASN A 131 15.07 2.40 1.96
N LEU A 132 14.64 1.27 2.49
CA LEU A 132 13.54 1.25 3.40
C LEU A 132 14.05 1.72 4.73
N SER A 133 13.32 2.63 5.38
CA SER A 133 13.62 3.01 6.75
C SER A 133 13.61 1.83 7.70
N PRO A 134 14.22 1.97 8.89
CA PRO A 134 13.91 0.83 9.81
C PRO A 134 12.41 0.73 10.14
N ASN A 135 11.94 -0.45 10.37
CA ASN A 135 10.53 -0.62 10.49
C ASN A 135 10.06 -0.45 11.95
N LEU A 136 8.85 0.04 12.16
CA LEU A 136 8.30 0.14 13.51
C LEU A 136 7.20 -0.90 13.78
N LEU A 137 6.28 -1.09 12.82
CA LEU A 137 5.00 -1.74 13.12
C LEU A 137 4.79 -3.01 12.36
N ALA A 138 5.86 -3.63 11.85
CA ALA A 138 5.66 -4.89 11.06
C ALA A 138 4.98 -6.00 11.89
N VAL A 139 5.38 -6.14 13.15
CA VAL A 139 4.82 -7.18 13.96
C VAL A 139 3.28 -7.02 14.14
N GLN A 140 2.81 -5.83 14.47
CA GLN A 140 1.39 -5.50 14.53
C GLN A 140 0.65 -5.68 13.19
N LYS A 141 1.33 -5.38 12.07
CA LYS A 141 0.73 -5.57 10.72
C LYS A 141 0.65 -7.04 10.37
N GLN A 142 1.64 -7.80 10.84
CA GLN A 142 1.58 -9.25 10.73
C GLN A 142 0.35 -9.75 11.50
N LEU A 143 0.22 -9.32 12.74
CA LEU A 143 -0.85 -9.84 13.62
C LEU A 143 -2.22 -9.48 13.17
N LEU A 144 -2.40 -8.25 12.69
CA LEU A 144 -3.75 -7.75 12.44
C LEU A 144 -4.12 -7.76 10.99
N VAL A 145 -3.16 -7.93 10.09
CA VAL A 145 -3.53 -7.92 8.69
C VAL A 145 -3.06 -9.13 7.93
N ALA A 146 -1.74 -9.32 7.87
CA ALA A 146 -1.21 -10.30 6.89
C ALA A 146 -1.43 -11.74 7.30
N LYS A 147 -1.13 -12.05 8.56
CA LYS A 147 -1.38 -13.43 9.04
C LYS A 147 -2.85 -13.84 9.00
N PRO A 148 -3.76 -13.01 9.51
CA PRO A 148 -5.16 -13.44 9.32
C PRO A 148 -5.66 -13.50 7.86
N ALA A 149 -5.08 -12.70 6.94
CA ALA A 149 -5.48 -12.74 5.53
C ALA A 149 -4.78 -13.89 4.81
N GLY A 150 -3.81 -14.52 5.45
CA GLY A 150 -3.06 -15.61 4.82
C GLY A 150 -2.08 -15.18 3.71
N ILE A 151 -1.41 -14.06 3.88
CA ILE A 151 -0.50 -13.60 2.84
C ILE A 151 0.81 -13.15 3.50
N GLY A 152 1.93 -13.32 2.82
CA GLY A 152 3.24 -12.83 3.32
C GLY A 152 3.38 -11.30 3.38
N LEU A 153 4.31 -10.84 4.24
CA LEU A 153 4.55 -9.41 4.32
C LEU A 153 6.05 -9.19 4.17
N ALA A 154 6.45 -8.21 3.34
CA ALA A 154 7.84 -7.80 3.21
C ALA A 154 8.00 -6.50 3.94
N ALA A 155 9.12 -6.35 4.65
CA ALA A 155 9.36 -5.11 5.46
C ALA A 155 10.82 -5.13 5.82
N ASN A 156 11.33 -3.99 6.32
CA ASN A 156 12.69 -3.97 6.83
C ASN A 156 12.67 -4.45 8.29
N SER A 157 12.44 -5.73 8.47
CA SER A 157 12.27 -6.30 9.76
C SER A 157 12.48 -7.81 9.67
N ASP A 158 13.10 -8.38 10.69
CA ASP A 158 13.38 -9.78 10.57
C ASP A 158 12.12 -10.58 11.02
N ARG A 159 11.01 -9.92 11.36
CA ARG A 159 9.81 -10.71 11.57
C ARG A 159 8.86 -10.67 10.33
N ALA A 160 9.44 -10.25 9.19
CA ALA A 160 8.74 -10.21 7.93
C ALA A 160 9.63 -10.91 6.91
N LEU A 161 9.24 -10.89 5.65
CA LEU A 161 10.25 -11.22 4.62
C LEU A 161 11.14 -9.99 4.48
N LYS A 162 12.38 -10.10 4.95
CA LYS A 162 13.24 -8.91 5.18
C LYS A 162 13.83 -8.29 3.91
N VAL A 163 13.58 -7.00 3.67
CA VAL A 163 14.20 -6.28 2.59
C VAL A 163 14.69 -4.93 3.10
N VAL A 164 15.87 -4.53 2.63
CA VAL A 164 16.47 -3.32 3.12
C VAL A 164 16.54 -2.26 2.03
N THR A 165 16.86 -2.66 0.79
CA THR A 165 17.03 -1.69 -0.30
C THR A 165 15.85 -1.78 -1.29
N LEU A 166 15.60 -0.71 -2.03
CA LEU A 166 14.56 -0.72 -3.06
C LEU A 166 14.93 -1.81 -4.11
N GLU A 167 16.23 -1.94 -4.40
CA GLU A 167 16.66 -3.03 -5.29
C GLU A 167 16.25 -4.44 -4.78
N GLN A 168 16.43 -4.71 -3.50
CA GLN A 168 15.95 -6.00 -2.93
C GLN A 168 14.44 -6.17 -2.98
N LEU A 169 13.71 -5.09 -2.70
CA LEU A 169 12.27 -5.15 -2.72
C LEU A 169 11.78 -5.45 -4.15
N ARG A 170 12.38 -4.80 -5.16
CA ARG A 170 12.04 -5.13 -6.58
C ARG A 170 12.21 -6.60 -6.94
N GLN A 171 13.27 -7.23 -6.46
CA GLN A 171 13.54 -8.64 -6.74
C GLN A 171 12.45 -9.53 -6.10
N VAL A 172 12.08 -9.20 -4.87
CA VAL A 172 11.15 -9.98 -4.08
C VAL A 172 9.73 -9.88 -4.60
N VAL A 173 9.31 -8.75 -5.17
CA VAL A 173 7.92 -8.64 -5.66
C VAL A 173 7.76 -9.25 -7.04
N GLY A 174 8.89 -9.56 -7.70
CA GLY A 174 8.86 -10.05 -9.08
C GLY A 174 8.28 -11.45 -9.21
N ASP A 175 8.41 -12.28 -8.20
CA ASP A 175 8.00 -13.69 -8.34
C ASP A 175 7.23 -14.17 -7.13
N LYS A 176 5.96 -13.76 -7.02
CA LYS A 176 5.07 -14.10 -5.88
C LYS A 176 3.70 -14.59 -6.34
N PRO A 177 3.64 -15.87 -6.78
CA PRO A 177 2.39 -16.41 -7.33
C PRO A 177 1.33 -16.47 -6.22
N TRP A 178 0.08 -16.43 -6.64
CA TRP A 178 -1.09 -16.41 -5.73
C TRP A 178 -1.30 -17.83 -5.19
N ARG A 179 -1.15 -18.02 -3.87
CA ARG A 179 -1.39 -19.36 -3.29
C ARG A 179 -2.90 -19.59 -3.05
N LYS A 180 -3.71 -18.55 -3.13
CA LYS A 180 -5.16 -18.75 -3.17
C LYS A 180 -5.77 -17.68 -4.09
N PRO A 181 -7.06 -17.81 -4.45
CA PRO A 181 -7.53 -16.92 -5.51
C PRO A 181 -7.69 -15.45 -5.12
N MSE A 182 -7.86 -15.17 -3.84
CA MSE A 182 -8.29 -13.83 -3.40
C MSE A 182 -7.95 -13.66 -1.93
O MSE A 182 -7.91 -14.67 -1.21
CB MSE A 182 -9.81 -13.74 -3.56
CG MSE A 182 -10.52 -12.46 -3.13
SE MSE A 182 -12.48 -12.84 -2.85
CE MSE A 182 -12.85 -14.26 -4.15
N VAL A 183 -7.66 -12.43 -1.52
CA VAL A 183 -7.49 -12.09 -0.12
C VAL A 183 -8.55 -11.07 0.18
N THR A 184 -9.09 -11.14 1.39
CA THR A 184 -10.03 -10.11 1.76
C THR A 184 -9.56 -9.38 3.04
N PHE A 185 -10.04 -8.16 3.26
CA PHE A 185 -9.61 -7.34 4.41
C PHE A 185 -10.82 -6.66 4.99
N SER A 186 -10.76 -6.27 6.28
CA SER A 186 -11.80 -5.48 6.94
C SER A 186 -11.67 -4.02 6.46
N SER A 187 -12.78 -3.30 6.50
CA SER A 187 -12.70 -1.87 6.25
C SER A 187 -12.93 -1.08 7.52
N GLY A 188 -12.55 0.19 7.52
CA GLY A 188 -12.88 1.08 8.62
C GLY A 188 -13.15 2.48 8.13
N LYS A 189 -13.70 3.29 9.00
CA LYS A 189 -13.90 4.66 8.64
C LYS A 189 -12.88 5.52 9.42
N ASN A 190 -12.06 4.86 10.25
CA ASN A 190 -11.19 5.56 11.20
C ASN A 190 -9.93 5.85 10.42
N VAL A 191 -9.16 6.86 10.75
CA VAL A 191 -7.85 7.08 10.09
C VAL A 191 -6.98 5.81 9.82
N ALA A 192 -6.53 5.60 8.57
CA ALA A 192 -5.68 4.44 8.26
C ALA A 192 -4.25 4.85 8.34
N GLN A 193 -3.52 4.20 9.24
CA GLN A 193 -2.10 4.48 9.48
C GLN A 193 -1.26 3.49 8.71
N ALA A 194 -0.60 4.01 7.67
CA ALA A 194 0.22 3.23 6.73
C ALA A 194 1.67 3.49 7.09
S SO4 B . 6.00 0.28 9.31
O1 SO4 B . 6.65 0.24 8.02
O2 SO4 B . 5.74 -1.10 9.71
O3 SO4 B . 6.92 0.90 10.23
O4 SO4 B . 4.79 1.05 9.40
C1 GOL C . 3.06 -16.15 5.20
O1 GOL C . 3.58 -15.49 6.35
C2 GOL C . 2.07 -17.20 5.66
O2 GOL C . 1.02 -16.59 6.37
C3 GOL C . 1.57 -18.03 4.49
O3 GOL C . 0.86 -17.20 3.58
C1 GOL D . -12.61 0.89 -14.64
O1 GOL D . -11.60 -0.10 -14.74
C2 GOL D . -12.07 2.32 -14.54
O2 GOL D . -11.09 2.47 -13.52
C3 GOL D . -13.20 3.32 -14.28
O3 GOL D . -13.27 4.14 -15.41
C1 GOL E . -7.03 -9.67 7.32
O1 GOL E . -8.07 -10.50 6.80
C2 GOL E . -7.58 -8.65 8.30
O2 GOL E . -8.95 -8.76 8.67
C3 GOL E . -7.22 -7.25 7.84
O3 GOL E . -8.36 -6.63 7.37
C1 BME F . -10.53 -0.07 3.69
C2 BME F . -9.24 -0.60 4.37
O1 BME F . -11.56 0.42 4.59
S2 BME F . -9.15 -2.44 4.09
C URE G . 3.60 -12.54 -9.62
O URE G . 4.46 -12.06 -8.88
N1 URE G . 3.90 -12.80 -10.88
N2 URE G . 2.33 -12.80 -9.21
CL CL H . 19.94 -9.30 8.62
#